data_4GU9
#
_entry.id   4GU9
#
_cell.length_a   46.541
_cell.length_b   88.288
_cell.length_c   136.761
_cell.angle_alpha   90.00
_cell.angle_beta   90.00
_cell.angle_gamma   90.00
#
_symmetry.space_group_name_H-M   'P 21 21 21'
#
loop_
_entity.id
_entity.type
_entity.pdbx_description
1 polymer 'Focal adhesion kinase 1'
2 non-polymer N-(2-fluorophenyl)-1H-pyrazolo[3,4-d]pyrimidin-4-amine
3 water water
#
_entity_poly.entity_id   1
_entity_poly.type   'polypeptide(L)'
_entity_poly.pdbx_seq_one_letter_code
;GSPSTRDYEIQRERIELGRCIGEGQFGDVHQGIYMSPENPALAVAIKTCKNCTSDSVREKFLQEALTMRQFDHPHIVKLI
GVITENPVWIIMELCTLGELRSFLQVRKYSLDLASLILYAYQLSTALAYLESKRFVHRDIAARNVLVSSNDCVKLGDFGL
SRYMEDSTYYKASKGKLPIKWMAPESINFRRFTSASDVWMFGVCMWEILMHGVKPFQGVKNNDVIGRIENGERLPMPPNC
PPTLYSLMTKCWAYDPSRRPRFTELKAQLSTILEEEKAQ
;
_entity_poly.pdbx_strand_id   A,B
#
loop_
_chem_comp.id
_chem_comp.type
_chem_comp.name
_chem_comp.formula
4GU non-polymer N-(2-fluorophenyl)-1H-pyrazolo[3,4-d]pyrimidin-4-amine 'C11 H8 F N5'
#
# COMPACT_ATOMS: atom_id res chain seq x y z
N ASP A 7 -13.60 -23.99 9.30
CA ASP A 7 -14.29 -24.77 8.29
C ASP A 7 -15.76 -24.44 8.07
N TYR A 8 -16.07 -24.30 6.79
CA TYR A 8 -17.29 -23.80 6.22
C TYR A 8 -18.27 -24.82 5.62
N GLU A 9 -18.10 -26.12 5.90
CA GLU A 9 -19.04 -27.11 5.38
C GLU A 9 -20.35 -27.01 6.11
N ILE A 10 -21.44 -26.87 5.36
CA ILE A 10 -22.82 -26.77 5.88
C ILE A 10 -23.57 -28.00 5.41
N GLN A 11 -24.45 -28.55 6.27
CA GLN A 11 -25.33 -29.67 5.91
C GLN A 11 -26.46 -29.07 5.06
N ARG A 12 -26.79 -29.72 3.92
CA ARG A 12 -27.82 -29.24 2.99
C ARG A 12 -29.21 -29.03 3.59
N GLU A 13 -29.58 -29.84 4.59
CA GLU A 13 -30.88 -29.78 5.27
C GLU A 13 -31.06 -28.47 6.07
N ARG A 14 -29.94 -27.80 6.40
CA ARG A 14 -29.96 -26.51 7.08
C ARG A 14 -30.25 -25.37 6.08
N ILE A 15 -30.34 -25.70 4.77
CA ILE A 15 -30.61 -24.75 3.69
C ILE A 15 -31.95 -25.02 3.00
N GLU A 16 -32.73 -23.96 2.81
CA GLU A 16 -34.00 -23.99 2.10
C GLU A 16 -33.89 -23.03 0.90
N LEU A 17 -33.99 -23.58 -0.31
CA LEU A 17 -33.96 -22.85 -1.54
C LEU A 17 -35.21 -21.98 -1.70
N GLY A 18 -34.98 -20.77 -2.17
CA GLY A 18 -36.05 -19.84 -2.47
C GLY A 18 -36.02 -19.44 -3.95
N ARG A 19 -36.57 -18.27 -4.27
CA ARG A 19 -36.64 -17.75 -5.63
C ARG A 19 -35.26 -17.42 -6.24
N CYS A 20 -35.18 -17.50 -7.57
CA CYS A 20 -34.00 -17.15 -8.35
C CYS A 20 -33.85 -15.62 -8.33
N ILE A 21 -32.62 -15.13 -8.07
CA ILE A 21 -32.33 -13.70 -7.97
C ILE A 21 -31.38 -13.19 -9.08
N GLY A 22 -31.05 -14.08 -10.02
CA GLY A 22 -30.16 -13.78 -11.11
C GLY A 22 -29.29 -14.95 -11.52
N GLU A 23 -28.55 -14.78 -12.61
CA GLU A 23 -27.68 -15.81 -13.15
C GLU A 23 -26.25 -15.45 -12.88
N GLY A 24 -25.50 -16.42 -12.39
CA GLY A 24 -24.08 -16.24 -12.11
C GLY A 24 -23.27 -16.88 -13.21
N GLN A 25 -21.95 -16.93 -13.03
CA GLN A 25 -21.03 -17.52 -13.99
C GLN A 25 -21.23 -19.03 -14.17
N PHE A 26 -21.36 -19.78 -13.04
CA PHE A 26 -21.47 -21.23 -13.03
C PHE A 26 -22.89 -21.77 -12.98
N GLY A 27 -23.83 -20.89 -12.69
CA GLY A 27 -25.23 -21.29 -12.61
C GLY A 27 -26.11 -20.25 -11.96
N ASP A 28 -27.36 -20.61 -11.70
CA ASP A 28 -28.35 -19.75 -11.07
C ASP A 28 -27.99 -19.43 -9.63
N VAL A 29 -28.33 -18.21 -9.24
CA VAL A 29 -28.14 -17.71 -7.89
C VAL A 29 -29.55 -17.55 -7.32
N HIS A 30 -29.76 -18.14 -6.15
CA HIS A 30 -31.05 -18.12 -5.51
C HIS A 30 -30.98 -17.46 -4.17
N GLN A 31 -32.12 -16.98 -3.70
CA GLN A 31 -32.16 -16.47 -2.35
C GLN A 31 -32.69 -17.65 -1.56
N GLY A 32 -32.44 -17.69 -0.28
CA GLY A 32 -32.90 -18.79 0.55
C GLY A 32 -32.70 -18.53 2.01
N ILE A 33 -32.93 -19.56 2.82
CA ILE A 33 -32.82 -19.45 4.28
C ILE A 33 -31.82 -20.46 4.81
N TYR A 34 -31.00 -20.01 5.74
CA TYR A 34 -30.04 -20.84 6.46
C TYR A 34 -30.46 -20.90 7.93
N MET A 35 -30.84 -22.10 8.37
CA MET A 35 -31.28 -22.42 9.72
C MET A 35 -30.11 -23.01 10.48
N SER A 36 -29.51 -22.20 11.37
CA SER A 36 -28.40 -22.57 12.25
C SER A 36 -28.84 -22.38 13.73
N PRO A 37 -28.17 -22.98 14.74
CA PRO A 37 -28.59 -22.74 16.14
C PRO A 37 -28.03 -21.45 16.76
N PRO A 40 -30.94 -18.83 14.56
CA PRO A 40 -31.81 -17.73 14.08
C PRO A 40 -31.81 -17.58 12.56
N ALA A 41 -32.74 -18.33 11.88
CA ALA A 41 -33.00 -18.44 10.43
C ALA A 41 -32.67 -17.19 9.57
N LEU A 42 -31.46 -17.18 9.00
CA LEU A 42 -30.85 -16.13 8.21
C LEU A 42 -31.16 -16.20 6.71
N ALA A 43 -31.49 -15.04 6.10
CA ALA A 43 -31.73 -14.95 4.65
C ALA A 43 -30.37 -14.93 3.97
N VAL A 44 -30.17 -15.82 2.97
CA VAL A 44 -28.87 -16.01 2.32
C VAL A 44 -29.04 -16.03 0.82
N ALA A 45 -27.92 -15.97 0.12
CA ALA A 45 -27.86 -16.11 -1.33
C ALA A 45 -27.16 -17.45 -1.56
N ILE A 46 -27.70 -18.26 -2.49
CA ILE A 46 -27.19 -19.58 -2.81
C ILE A 46 -26.70 -19.62 -4.25
N LYS A 47 -25.39 -19.71 -4.44
CA LYS A 47 -24.76 -19.85 -5.74
C LYS A 47 -24.74 -21.34 -6.09
N THR A 48 -25.30 -21.68 -7.25
CA THR A 48 -25.33 -23.06 -7.73
C THR A 48 -24.35 -23.20 -8.89
N CYS A 49 -24.06 -24.45 -9.26
CA CYS A 49 -23.12 -24.78 -10.32
C CYS A 49 -23.62 -26.02 -11.06
N LYS A 50 -24.15 -25.82 -12.28
CA LYS A 50 -24.74 -26.89 -13.08
C LYS A 50 -23.78 -27.97 -13.58
N ASN A 51 -22.54 -27.58 -13.90
CA ASN A 51 -21.50 -28.49 -14.41
C ASN A 51 -20.48 -28.96 -13.37
N CYS A 52 -20.79 -28.77 -12.07
CA CYS A 52 -19.90 -29.16 -10.97
C CYS A 52 -19.74 -30.65 -10.70
N THR A 53 -20.32 -31.50 -11.58
CA THR A 53 -20.19 -32.95 -11.51
C THR A 53 -18.74 -33.33 -11.94
N SER A 54 -18.09 -32.42 -12.72
CA SER A 54 -16.70 -32.53 -13.17
C SER A 54 -15.81 -31.71 -12.22
N ASP A 55 -14.69 -32.32 -11.75
CA ASP A 55 -13.74 -31.71 -10.80
C ASP A 55 -13.07 -30.42 -11.26
N SER A 56 -12.86 -30.25 -12.57
CA SER A 56 -12.25 -29.02 -13.13
C SER A 56 -13.15 -27.79 -12.95
N VAL A 57 -14.49 -27.98 -13.08
CA VAL A 57 -15.51 -26.93 -12.92
C VAL A 57 -15.69 -26.63 -11.41
N ARG A 58 -15.73 -27.71 -10.59
CA ARG A 58 -15.86 -27.69 -9.15
C ARG A 58 -14.72 -26.89 -8.47
N GLU A 59 -13.46 -27.20 -8.83
CA GLU A 59 -12.26 -26.51 -8.32
C GLU A 59 -12.31 -25.01 -8.63
N LYS A 60 -12.73 -24.65 -9.86
CA LYS A 60 -12.84 -23.24 -10.26
C LYS A 60 -13.93 -22.55 -9.47
N PHE A 61 -15.13 -23.17 -9.37
CA PHE A 61 -16.27 -22.64 -8.63
C PHE A 61 -15.96 -22.47 -7.15
N LEU A 62 -15.38 -23.50 -6.51
CA LEU A 62 -15.03 -23.47 -5.09
C LEU A 62 -13.86 -22.56 -4.72
N GLN A 63 -13.05 -22.16 -5.72
CA GLN A 63 -11.93 -21.23 -5.52
C GLN A 63 -12.45 -19.86 -5.07
N GLU A 64 -13.69 -19.50 -5.51
CA GLU A 64 -14.35 -18.25 -5.12
C GLU A 64 -14.60 -18.23 -3.62
N ALA A 65 -14.99 -19.39 -3.06
CA ALA A 65 -15.22 -19.57 -1.63
C ALA A 65 -13.92 -19.53 -0.84
N LEU A 66 -12.87 -20.24 -1.34
CA LEU A 66 -11.53 -20.28 -0.77
C LEU A 66 -10.99 -18.85 -0.61
N THR A 67 -11.18 -17.98 -1.65
CA THR A 67 -10.76 -16.56 -1.67
C THR A 67 -11.57 -15.72 -0.65
N MET A 68 -12.87 -15.93 -0.59
CA MET A 68 -13.76 -15.21 0.30
C MET A 68 -13.63 -15.47 1.78
N ARG A 69 -13.19 -16.66 2.20
CA ARG A 69 -13.02 -16.92 3.64
C ARG A 69 -11.90 -16.08 4.26
N GLN A 70 -10.93 -15.60 3.43
CA GLN A 70 -9.83 -14.74 3.87
C GLN A 70 -10.30 -13.35 4.32
N PHE A 71 -11.50 -12.92 3.90
CA PHE A 71 -11.95 -11.55 4.16
C PHE A 71 -13.06 -11.40 5.14
N ASP A 72 -12.94 -10.36 5.98
CA ASP A 72 -13.95 -9.95 6.95
C ASP A 72 -14.00 -8.44 6.94
N HIS A 73 -14.93 -7.88 6.17
CA HIS A 73 -15.08 -6.44 6.06
C HIS A 73 -16.57 -6.08 5.83
N PRO A 74 -17.10 -4.97 6.45
CA PRO A 74 -18.52 -4.61 6.24
C PRO A 74 -18.96 -4.31 4.79
N HIS A 75 -18.00 -3.97 3.89
CA HIS A 75 -18.33 -3.67 2.48
C HIS A 75 -17.83 -4.68 1.49
N ILE A 76 -17.69 -5.92 1.98
CA ILE A 76 -17.31 -7.09 1.19
C ILE A 76 -18.30 -8.19 1.57
N VAL A 77 -18.93 -8.79 0.54
CA VAL A 77 -19.90 -9.86 0.74
C VAL A 77 -19.28 -11.03 1.53
N LYS A 78 -19.96 -11.46 2.58
CA LYS A 78 -19.50 -12.52 3.47
C LYS A 78 -19.83 -13.93 2.95
N LEU A 79 -18.86 -14.84 3.09
CA LEU A 79 -19.03 -16.26 2.80
C LEU A 79 -19.65 -16.88 4.05
N ILE A 80 -20.83 -17.50 3.92
CA ILE A 80 -21.50 -18.15 5.05
C ILE A 80 -21.00 -19.61 5.13
N GLY A 81 -20.90 -20.27 3.99
CA GLY A 81 -20.38 -21.63 3.91
C GLY A 81 -20.50 -22.25 2.53
N VAL A 82 -20.18 -23.56 2.46
CA VAL A 82 -20.19 -24.37 1.23
C VAL A 82 -20.84 -25.73 1.45
N ILE A 83 -21.40 -26.26 0.36
CA ILE A 83 -21.94 -27.61 0.28
C ILE A 83 -21.16 -28.24 -0.86
N THR A 84 -20.19 -29.09 -0.50
CA THR A 84 -19.27 -29.71 -1.43
C THR A 84 -19.76 -30.95 -2.14
N GLU A 85 -20.81 -31.60 -1.61
CA GLU A 85 -21.41 -32.75 -2.28
C GLU A 85 -22.31 -32.24 -3.43
N ASN A 86 -22.47 -33.03 -4.49
CA ASN A 86 -23.27 -32.69 -5.65
C ASN A 86 -24.78 -32.67 -5.34
N PRO A 87 -25.55 -31.62 -5.72
CA PRO A 87 -25.13 -30.36 -6.40
C PRO A 87 -24.43 -29.38 -5.46
N VAL A 88 -23.26 -28.90 -5.90
CA VAL A 88 -22.37 -28.02 -5.15
C VAL A 88 -22.96 -26.61 -5.02
N TRP A 89 -23.05 -26.11 -3.78
CA TRP A 89 -23.55 -24.76 -3.49
C TRP A 89 -22.56 -23.94 -2.70
N ILE A 90 -22.57 -22.62 -2.96
CA ILE A 90 -21.83 -21.64 -2.17
C ILE A 90 -22.90 -20.76 -1.51
N ILE A 91 -22.88 -20.69 -0.16
CA ILE A 91 -23.79 -19.89 0.65
C ILE A 91 -23.13 -18.55 1.00
N MET A 92 -23.75 -17.46 0.57
CA MET A 92 -23.23 -16.11 0.81
C MET A 92 -24.29 -15.29 1.50
N GLU A 93 -23.87 -14.20 2.14
CA GLU A 93 -24.73 -13.18 2.71
C GLU A 93 -25.62 -12.60 1.59
N LEU A 94 -26.89 -12.41 1.87
CA LEU A 94 -27.82 -11.86 0.88
C LEU A 94 -27.75 -10.32 0.84
N CYS A 95 -27.59 -9.75 -0.37
CA CYS A 95 -27.66 -8.31 -0.61
C CYS A 95 -28.95 -8.12 -1.38
N THR A 96 -30.05 -7.88 -0.62
CA THR A 96 -31.44 -7.86 -1.11
C THR A 96 -31.72 -7.00 -2.32
N LEU A 97 -31.12 -5.78 -2.39
CA LEU A 97 -31.36 -4.85 -3.50
C LEU A 97 -30.63 -5.20 -4.82
N GLY A 98 -29.88 -6.29 -4.83
CA GLY A 98 -29.21 -6.81 -6.02
C GLY A 98 -27.98 -6.06 -6.50
N GLU A 99 -27.70 -6.20 -7.81
CA GLU A 99 -26.55 -5.56 -8.49
C GLU A 99 -26.65 -4.01 -8.52
N LEU A 100 -25.52 -3.32 -8.25
CA LEU A 100 -25.43 -1.85 -8.23
C LEU A 100 -25.81 -1.17 -9.53
N ARG A 101 -25.29 -1.69 -10.65
CA ARG A 101 -25.51 -1.17 -12.00
C ARG A 101 -26.99 -0.99 -12.31
N SER A 102 -27.82 -2.06 -12.09
CA SER A 102 -29.27 -2.04 -12.27
C SER A 102 -29.98 -1.12 -11.26
N PHE A 103 -29.52 -1.12 -10.00
CA PHE A 103 -30.05 -0.29 -8.91
C PHE A 103 -29.90 1.21 -9.25
N LEU A 104 -28.75 1.61 -9.80
CA LEU A 104 -28.46 2.98 -10.23
C LEU A 104 -29.33 3.43 -11.37
N GLN A 105 -29.56 2.54 -12.36
CA GLN A 105 -30.40 2.82 -13.52
C GLN A 105 -31.84 3.07 -13.10
N VAL A 106 -32.40 2.14 -12.31
CA VAL A 106 -33.78 2.17 -11.80
C VAL A 106 -34.06 3.44 -10.96
N ARG A 107 -33.16 3.72 -10.01
CA ARG A 107 -33.29 4.83 -9.06
C ARG A 107 -32.56 6.07 -9.55
N LYS A 108 -32.37 6.25 -10.88
CA LYS A 108 -31.64 7.39 -11.45
C LYS A 108 -32.15 8.80 -11.05
N TYR A 109 -33.47 8.94 -10.81
CA TYR A 109 -34.08 10.18 -10.30
C TYR A 109 -34.44 10.06 -8.79
N SER A 110 -34.14 8.91 -8.15
CA SER A 110 -34.40 8.72 -6.72
C SER A 110 -33.15 9.13 -5.89
N LEU A 111 -31.98 8.53 -6.20
CA LEU A 111 -30.71 8.77 -5.50
C LEU A 111 -30.07 10.12 -5.76
N ASP A 112 -29.77 10.85 -4.68
CA ASP A 112 -29.05 12.13 -4.72
C ASP A 112 -27.53 11.92 -4.80
N LEU A 113 -26.77 13.00 -5.07
CA LEU A 113 -25.30 13.02 -5.17
C LEU A 113 -24.61 12.43 -3.94
N ALA A 114 -25.06 12.84 -2.74
CA ALA A 114 -24.57 12.38 -1.43
C ALA A 114 -24.60 10.85 -1.31
N SER A 115 -25.67 10.18 -1.82
CA SER A 115 -25.81 8.73 -1.84
C SER A 115 -24.80 8.11 -2.81
N LEU A 116 -24.62 8.71 -3.99
CA LEU A 116 -23.67 8.26 -5.00
C LEU A 116 -22.23 8.34 -4.48
N ILE A 117 -21.87 9.46 -3.79
CA ILE A 117 -20.54 9.62 -3.21
C ILE A 117 -20.33 8.61 -2.06
N LEU A 118 -21.41 8.34 -1.30
CA LEU A 118 -21.40 7.38 -0.20
C LEU A 118 -21.00 6.00 -0.70
N TYR A 119 -21.58 5.55 -1.83
CA TYR A 119 -21.24 4.25 -2.43
C TYR A 119 -19.77 4.15 -2.83
N ALA A 120 -19.22 5.22 -3.43
CA ALA A 120 -17.81 5.30 -3.86
C ALA A 120 -16.90 5.21 -2.64
N TYR A 121 -17.27 5.93 -1.55
CA TYR A 121 -16.56 5.93 -0.28
C TYR A 121 -16.55 4.53 0.30
N GLN A 122 -17.73 3.91 0.42
CA GLN A 122 -17.90 2.54 0.92
C GLN A 122 -17.05 1.56 0.18
N LEU A 123 -17.04 1.64 -1.17
CA LEU A 123 -16.19 0.79 -2.02
C LEU A 123 -14.70 1.04 -1.77
N SER A 124 -14.29 2.32 -1.55
CA SER A 124 -12.89 2.67 -1.24
C SER A 124 -12.45 2.04 0.09
N THR A 125 -13.35 1.92 1.09
CA THR A 125 -13.01 1.27 2.37
C THR A 125 -12.78 -0.23 2.18
N ALA A 126 -13.58 -0.87 1.32
CA ALA A 126 -13.44 -2.29 0.99
C ALA A 126 -12.13 -2.52 0.22
N LEU A 127 -11.79 -1.60 -0.70
CA LEU A 127 -10.57 -1.69 -1.50
C LEU A 127 -9.31 -1.37 -0.73
N ALA A 128 -9.38 -0.47 0.25
CA ALA A 128 -8.26 -0.17 1.16
C ALA A 128 -8.00 -1.38 2.06
N TYR A 129 -9.06 -2.10 2.45
CA TYR A 129 -8.95 -3.30 3.24
C TYR A 129 -8.19 -4.39 2.45
N LEU A 130 -8.57 -4.61 1.19
CA LEU A 130 -7.96 -5.59 0.28
C LEU A 130 -6.51 -5.27 0.00
N GLU A 131 -6.21 -3.97 -0.22
CA GLU A 131 -4.87 -3.45 -0.44
C GLU A 131 -4.02 -3.74 0.82
N SER A 132 -4.61 -3.59 2.03
CA SER A 132 -3.94 -3.89 3.30
C SER A 132 -3.60 -5.39 3.43
N LYS A 133 -4.30 -6.28 2.69
CA LYS A 133 -4.09 -7.75 2.66
C LYS A 133 -3.23 -8.15 1.44
N ARG A 134 -2.75 -7.14 0.69
CA ARG A 134 -1.96 -7.28 -0.55
C ARG A 134 -2.69 -8.13 -1.61
N PHE A 135 -4.02 -7.99 -1.67
CA PHE A 135 -4.89 -8.68 -2.59
C PHE A 135 -5.31 -7.77 -3.75
N VAL A 136 -5.06 -8.23 -4.99
CA VAL A 136 -5.39 -7.53 -6.23
C VAL A 136 -6.69 -8.16 -6.76
N HIS A 137 -7.75 -7.35 -6.90
CA HIS A 137 -9.07 -7.77 -7.35
C HIS A 137 -9.10 -8.11 -8.84
N ARG A 138 -8.51 -7.23 -9.70
CA ARG A 138 -8.47 -7.39 -11.17
C ARG A 138 -9.77 -7.08 -11.90
N ASP A 139 -10.92 -6.92 -11.22
CA ASP A 139 -12.19 -6.68 -11.89
C ASP A 139 -13.14 -5.74 -11.12
N ILE A 140 -12.66 -4.52 -10.84
CA ILE A 140 -13.45 -3.52 -10.13
C ILE A 140 -14.33 -2.82 -11.15
N ALA A 141 -15.64 -3.00 -11.01
CA ALA A 141 -16.67 -2.50 -11.91
C ALA A 141 -17.99 -2.51 -11.15
N ALA A 142 -18.86 -1.53 -11.47
CA ALA A 142 -20.17 -1.37 -10.84
C ALA A 142 -21.02 -2.68 -10.94
N ARG A 143 -20.75 -3.52 -11.93
CA ARG A 143 -21.48 -4.80 -12.10
C ARG A 143 -21.11 -5.85 -11.03
N ASN A 144 -19.93 -5.68 -10.37
CA ASN A 144 -19.43 -6.60 -9.34
C ASN A 144 -19.71 -6.09 -7.93
N VAL A 145 -20.55 -5.05 -7.83
CA VAL A 145 -20.95 -4.44 -6.57
C VAL A 145 -22.42 -4.79 -6.31
N LEU A 146 -22.73 -5.13 -5.07
CA LEU A 146 -24.08 -5.49 -4.63
C LEU A 146 -24.63 -4.48 -3.65
N VAL A 147 -25.95 -4.28 -3.63
CA VAL A 147 -26.62 -3.30 -2.76
C VAL A 147 -27.36 -4.06 -1.66
N SER A 148 -26.93 -3.86 -0.41
CA SER A 148 -27.51 -4.51 0.76
C SER A 148 -28.75 -3.71 1.24
N SER A 149 -28.65 -2.37 1.21
CA SER A 149 -29.70 -1.41 1.55
C SER A 149 -29.42 -0.11 0.78
N ASN A 150 -30.32 0.89 0.84
CA ASN A 150 -30.16 2.16 0.11
C ASN A 150 -28.91 2.96 0.49
N ASP A 151 -28.30 2.67 1.66
CA ASP A 151 -27.07 3.34 2.09
C ASP A 151 -25.97 2.34 2.44
N CYS A 152 -25.94 1.19 1.74
CA CYS A 152 -24.95 0.15 2.00
C CYS A 152 -24.69 -0.73 0.79
N VAL A 153 -23.48 -0.60 0.24
CA VAL A 153 -23.06 -1.40 -0.91
C VAL A 153 -21.95 -2.33 -0.51
N LYS A 154 -21.82 -3.44 -1.23
CA LYS A 154 -20.80 -4.46 -0.95
C LYS A 154 -20.11 -4.94 -2.20
N LEU A 155 -18.81 -5.18 -2.11
CA LEU A 155 -18.00 -5.70 -3.21
C LEU A 155 -18.24 -7.22 -3.24
N GLY A 156 -18.74 -7.72 -4.37
CA GLY A 156 -19.13 -9.11 -4.42
C GLY A 156 -18.59 -10.10 -5.42
N ASP A 157 -17.51 -9.79 -6.18
CA ASP A 157 -17.00 -10.77 -7.17
C ASP A 157 -15.58 -11.23 -6.88
N PHE A 158 -15.43 -12.49 -6.45
CA PHE A 158 -14.12 -13.05 -6.13
C PHE A 158 -13.95 -14.44 -6.73
N LEU A 177 -13.47 -10.20 -21.50
CA LEU A 177 -12.37 -9.34 -21.01
C LEU A 177 -12.78 -7.85 -20.90
N PRO A 178 -12.74 -7.27 -19.67
CA PRO A 178 -13.22 -5.89 -19.48
C PRO A 178 -12.23 -4.77 -19.86
N ILE A 179 -11.91 -4.70 -21.14
CA ILE A 179 -10.97 -3.73 -21.71
C ILE A 179 -11.25 -2.27 -21.31
N LYS A 180 -12.52 -1.86 -21.31
CA LYS A 180 -12.98 -0.50 -20.99
C LYS A 180 -12.82 -0.06 -19.52
N TRP A 181 -12.51 -1.01 -18.61
CA TRP A 181 -12.26 -0.79 -17.18
C TRP A 181 -10.76 -0.92 -16.81
N MET A 182 -9.97 -1.55 -17.69
CA MET A 182 -8.56 -1.88 -17.49
C MET A 182 -7.55 -0.77 -17.68
N ALA A 183 -6.54 -0.77 -16.78
CA ALA A 183 -5.38 0.13 -16.82
C ALA A 183 -4.58 -0.19 -18.10
N PRO A 184 -3.96 0.80 -18.78
CA PRO A 184 -3.21 0.48 -20.01
C PRO A 184 -2.19 -0.66 -19.89
N GLU A 185 -1.49 -0.79 -18.74
CA GLU A 185 -0.51 -1.86 -18.54
C GLU A 185 -1.18 -3.22 -18.45
N SER A 186 -2.45 -3.27 -18.02
CA SER A 186 -3.21 -4.51 -17.97
C SER A 186 -3.58 -4.93 -19.41
N ILE A 187 -3.95 -3.95 -20.25
CA ILE A 187 -4.35 -4.19 -21.64
C ILE A 187 -3.13 -4.64 -22.46
N ASN A 188 -2.04 -3.84 -22.39
CA ASN A 188 -0.81 -4.08 -23.12
C ASN A 188 0.01 -5.28 -22.67
N PHE A 189 0.11 -5.49 -21.35
CA PHE A 189 1.01 -6.51 -20.82
C PHE A 189 0.42 -7.53 -19.89
N ARG A 190 -0.89 -7.45 -19.60
CA ARG A 190 -1.56 -8.32 -18.65
C ARG A 190 -0.94 -8.18 -17.22
N ARG A 191 -0.55 -6.93 -16.90
CA ARG A 191 -0.01 -6.63 -15.58
C ARG A 191 -1.15 -6.17 -14.71
N PHE A 192 -1.34 -6.85 -13.58
CA PHE A 192 -2.37 -6.50 -12.61
C PHE A 192 -1.70 -6.30 -11.28
N THR A 193 -1.83 -5.09 -10.75
CA THR A 193 -1.23 -4.69 -9.49
C THR A 193 -2.28 -3.89 -8.70
N SER A 194 -1.88 -3.37 -7.54
CA SER A 194 -2.72 -2.52 -6.75
C SER A 194 -2.98 -1.19 -7.51
N ALA A 195 -2.00 -0.69 -8.32
CA ALA A 195 -2.16 0.54 -9.15
C ALA A 195 -3.16 0.37 -10.26
N SER A 196 -3.24 -0.85 -10.84
CA SER A 196 -4.22 -1.14 -11.91
C SER A 196 -5.64 -1.21 -11.35
N ASP A 197 -5.75 -1.66 -10.08
CA ASP A 197 -6.99 -1.73 -9.33
C ASP A 197 -7.51 -0.32 -9.06
N VAL A 198 -6.60 0.65 -8.84
CA VAL A 198 -6.94 2.07 -8.64
C VAL A 198 -7.51 2.65 -9.94
N TRP A 199 -6.92 2.26 -11.09
CA TRP A 199 -7.43 2.68 -12.40
C TRP A 199 -8.89 2.23 -12.54
N MET A 200 -9.17 0.95 -12.32
CA MET A 200 -10.54 0.38 -12.41
C MET A 200 -11.52 1.05 -11.43
N PHE A 201 -11.06 1.39 -10.18
CA PHE A 201 -11.92 2.06 -9.22
C PHE A 201 -12.35 3.44 -9.74
N GLY A 202 -11.43 4.13 -10.43
CA GLY A 202 -11.72 5.41 -11.07
C GLY A 202 -12.87 5.25 -12.04
N VAL A 203 -12.81 4.19 -12.89
CA VAL A 203 -13.89 3.86 -13.85
C VAL A 203 -15.20 3.50 -13.12
N CYS A 204 -15.10 2.72 -12.03
CA CYS A 204 -16.26 2.35 -11.22
C CYS A 204 -16.94 3.59 -10.65
N MET A 205 -16.17 4.58 -10.17
CA MET A 205 -16.69 5.84 -9.64
C MET A 205 -17.40 6.60 -10.74
N TRP A 206 -16.82 6.60 -11.96
CA TRP A 206 -17.40 7.25 -13.12
C TRP A 206 -18.76 6.62 -13.45
N GLU A 207 -18.83 5.27 -13.50
CA GLU A 207 -20.08 4.49 -13.70
C GLU A 207 -21.14 4.87 -12.64
N ILE A 208 -20.73 5.03 -11.36
CA ILE A 208 -21.64 5.40 -10.25
C ILE A 208 -22.26 6.77 -10.50
N LEU A 209 -21.41 7.75 -10.81
CA LEU A 209 -21.86 9.10 -11.05
C LEU A 209 -22.65 9.30 -12.36
N MET A 210 -22.49 8.37 -13.32
CA MET A 210 -23.17 8.29 -14.61
C MET A 210 -24.45 7.43 -14.55
N HIS A 211 -24.84 6.98 -13.34
CA HIS A 211 -26.03 6.16 -13.03
C HIS A 211 -26.02 4.79 -13.71
N GLY A 212 -24.89 4.11 -13.67
CA GLY A 212 -24.78 2.79 -14.27
C GLY A 212 -24.69 2.73 -15.80
N VAL A 213 -24.19 3.81 -16.43
CA VAL A 213 -23.95 3.85 -17.89
C VAL A 213 -22.54 3.26 -18.06
N LYS A 214 -22.38 2.36 -19.05
CA LYS A 214 -21.10 1.70 -19.30
C LYS A 214 -20.06 2.67 -19.87
N PRO A 215 -18.78 2.56 -19.45
CA PRO A 215 -17.75 3.46 -20.01
C PRO A 215 -17.48 3.17 -21.49
N PHE A 216 -17.03 4.17 -22.26
CA PHE A 216 -16.71 4.05 -23.69
C PHE A 216 -17.79 3.43 -24.56
N GLN A 217 -19.04 3.85 -24.38
CA GLN A 217 -20.12 3.33 -25.20
C GLN A 217 -19.92 3.66 -26.66
N GLY A 218 -20.16 2.67 -27.52
CA GLY A 218 -20.02 2.81 -28.97
C GLY A 218 -18.59 2.81 -29.47
N VAL A 219 -17.64 2.40 -28.61
CA VAL A 219 -16.21 2.30 -28.96
C VAL A 219 -15.88 0.80 -28.94
N LYS A 220 -15.15 0.33 -29.97
CA LYS A 220 -14.72 -1.06 -30.06
C LYS A 220 -13.59 -1.27 -29.06
N ASN A 221 -13.54 -2.48 -28.46
CA ASN A 221 -12.51 -2.83 -27.47
C ASN A 221 -11.08 -2.55 -27.93
N ASN A 222 -10.76 -2.85 -29.20
CA ASN A 222 -9.41 -2.64 -29.75
C ASN A 222 -8.99 -1.15 -29.92
N ASP A 223 -9.97 -0.23 -29.96
CA ASP A 223 -9.72 1.20 -30.13
C ASP A 223 -9.47 1.95 -28.81
N VAL A 224 -9.82 1.31 -27.66
CA VAL A 224 -9.70 1.84 -26.29
C VAL A 224 -8.24 2.16 -25.94
N ILE A 225 -7.29 1.21 -26.17
CA ILE A 225 -5.88 1.45 -25.86
C ILE A 225 -5.30 2.65 -26.60
N GLY A 226 -5.62 2.79 -27.89
CA GLY A 226 -5.18 3.91 -28.71
C GLY A 226 -5.67 5.25 -28.20
N ARG A 227 -6.94 5.30 -27.76
CA ARG A 227 -7.56 6.48 -27.17
C ARG A 227 -6.86 6.89 -25.87
N ILE A 228 -6.61 5.91 -24.98
CA ILE A 228 -5.94 6.12 -23.69
C ILE A 228 -4.51 6.59 -23.89
N GLU A 229 -3.79 5.95 -24.83
CA GLU A 229 -2.41 6.30 -25.21
C GLU A 229 -2.31 7.77 -25.67
N ASN A 230 -3.40 8.32 -26.29
CA ASN A 230 -3.45 9.72 -26.74
C ASN A 230 -3.83 10.69 -25.62
N GLY A 231 -3.95 10.18 -24.39
CA GLY A 231 -4.30 11.00 -23.23
C GLY A 231 -5.78 11.25 -23.07
N GLU A 232 -6.60 10.49 -23.80
CA GLU A 232 -8.06 10.59 -23.75
C GLU A 232 -8.56 9.87 -22.51
N ARG A 233 -9.53 10.51 -21.84
CA ARG A 233 -10.17 10.01 -20.63
C ARG A 233 -11.68 10.17 -20.73
N LEU A 234 -12.41 9.45 -19.85
CA LEU A 234 -13.85 9.52 -19.71
C LEU A 234 -14.20 10.94 -19.27
N PRO A 235 -15.22 11.58 -19.87
CA PRO A 235 -15.51 12.98 -19.53
C PRO A 235 -16.09 13.15 -18.12
N MET A 236 -16.09 14.41 -17.63
CA MET A 236 -16.66 14.75 -16.32
C MET A 236 -18.16 14.46 -16.39
N PRO A 237 -18.69 13.57 -15.52
CA PRO A 237 -20.14 13.31 -15.57
C PRO A 237 -20.97 14.55 -15.23
N PRO A 238 -22.15 14.77 -15.85
CA PRO A 238 -23.00 15.89 -15.42
C PRO A 238 -23.28 15.80 -13.91
N ASN A 239 -23.23 16.94 -13.20
CA ASN A 239 -23.47 17.04 -11.75
C ASN A 239 -22.36 16.48 -10.83
N CYS A 240 -21.25 16.01 -11.42
CA CYS A 240 -20.12 15.52 -10.65
C CYS A 240 -19.33 16.71 -10.11
N PRO A 241 -19.07 16.78 -8.78
CA PRO A 241 -18.23 17.88 -8.26
C PRO A 241 -16.86 17.85 -8.92
N PRO A 242 -16.31 19.00 -9.36
CA PRO A 242 -14.98 18.99 -10.00
C PRO A 242 -13.85 18.40 -9.16
N THR A 243 -13.97 18.44 -7.81
CA THR A 243 -12.96 17.87 -6.90
C THR A 243 -12.98 16.33 -6.99
N LEU A 244 -14.18 15.75 -7.18
CA LEU A 244 -14.35 14.32 -7.33
C LEU A 244 -13.81 13.87 -8.68
N TYR A 245 -14.05 14.67 -9.72
CA TYR A 245 -13.54 14.34 -11.05
C TYR A 245 -12.00 14.43 -11.13
N SER A 246 -11.37 15.38 -10.39
CA SER A 246 -9.92 15.51 -10.36
C SER A 246 -9.30 14.32 -9.64
N LEU A 247 -10.03 13.73 -8.68
CA LEU A 247 -9.64 12.52 -7.97
C LEU A 247 -9.67 11.33 -8.97
N MET A 248 -10.73 11.22 -9.82
CA MET A 248 -10.85 10.19 -10.84
C MET A 248 -9.68 10.29 -11.83
N THR A 249 -9.32 11.52 -12.27
CA THR A 249 -8.22 11.73 -13.21
C THR A 249 -6.89 11.34 -12.59
N LYS A 250 -6.72 11.53 -11.26
CA LYS A 250 -5.52 11.05 -10.52
C LYS A 250 -5.45 9.50 -10.62
N CYS A 251 -6.60 8.80 -10.62
CA CYS A 251 -6.68 7.34 -10.77
C CYS A 251 -6.28 6.92 -12.17
N TRP A 252 -6.44 7.83 -13.15
CA TRP A 252 -6.17 7.59 -14.56
C TRP A 252 -4.82 8.13 -15.06
N ALA A 253 -3.83 8.28 -14.17
CA ALA A 253 -2.47 8.66 -14.56
C ALA A 253 -1.92 7.49 -15.39
N TYR A 254 -1.35 7.77 -16.57
CA TYR A 254 -0.83 6.69 -17.42
C TYR A 254 0.24 5.88 -16.68
N ASP A 255 1.18 6.58 -16.04
CA ASP A 255 2.25 6.02 -15.24
C ASP A 255 1.63 5.46 -13.94
N PRO A 256 1.69 4.13 -13.72
CA PRO A 256 1.09 3.55 -12.50
C PRO A 256 1.61 4.08 -11.16
N SER A 257 2.90 4.50 -11.11
CA SER A 257 3.55 5.02 -9.91
C SER A 257 3.04 6.37 -9.48
N ARG A 258 2.32 7.09 -10.38
CA ARG A 258 1.72 8.40 -10.12
C ARG A 258 0.31 8.28 -9.55
N ARG A 259 -0.32 7.10 -9.66
CA ARG A 259 -1.67 6.90 -9.13
C ARG A 259 -1.71 6.86 -7.59
N PRO A 260 -2.78 7.41 -6.96
CA PRO A 260 -2.85 7.31 -5.49
C PRO A 260 -3.10 5.86 -5.02
N ARG A 261 -3.01 5.63 -3.72
CA ARG A 261 -3.33 4.34 -3.13
C ARG A 261 -4.69 4.52 -2.48
N PHE A 262 -5.38 3.42 -2.19
CA PHE A 262 -6.73 3.46 -1.60
C PHE A 262 -6.86 4.17 -0.28
N THR A 263 -5.79 4.19 0.52
CA THR A 263 -5.85 4.89 1.79
C THR A 263 -6.03 6.41 1.63
N GLU A 264 -5.44 6.99 0.58
CA GLU A 264 -5.54 8.41 0.25
C GLU A 264 -6.93 8.68 -0.34
N LEU A 265 -7.39 7.82 -1.27
CA LEU A 265 -8.71 7.88 -1.93
C LEU A 265 -9.84 7.90 -0.94
N LYS A 266 -9.79 6.97 0.03
CA LYS A 266 -10.73 6.81 1.14
C LYS A 266 -10.84 8.11 1.92
N ALA A 267 -9.69 8.73 2.31
CA ALA A 267 -9.67 9.99 3.06
C ALA A 267 -10.25 11.13 2.22
N GLN A 268 -9.85 11.20 0.95
CA GLN A 268 -10.38 12.20 0.03
C GLN A 268 -11.90 12.06 -0.12
N LEU A 269 -12.36 10.85 -0.39
CA LEU A 269 -13.80 10.60 -0.55
C LEU A 269 -14.60 11.00 0.70
N SER A 270 -14.01 10.86 1.91
CA SER A 270 -14.62 11.25 3.20
C SER A 270 -14.88 12.73 3.23
N THR A 271 -13.88 13.55 2.81
CA THR A 271 -14.00 15.00 2.81
C THR A 271 -15.00 15.47 1.77
N ILE A 272 -14.95 14.88 0.54
CA ILE A 272 -15.86 15.19 -0.57
C ILE A 272 -17.31 14.93 -0.14
N LEU A 273 -17.52 13.79 0.57
CA LEU A 273 -18.81 13.38 1.10
C LEU A 273 -19.35 14.38 2.14
N GLU A 274 -18.47 14.85 3.04
CA GLU A 274 -18.89 15.80 4.06
C GLU A 274 -19.29 17.15 3.45
N GLU A 275 -18.53 17.62 2.44
CA GLU A 275 -18.81 18.88 1.70
C GLU A 275 -20.11 18.76 0.86
N GLU A 276 -20.60 17.54 0.64
CA GLU A 276 -21.84 17.32 -0.10
C GLU A 276 -23.03 17.26 0.86
N LYS A 277 -22.87 16.54 1.98
CA LYS A 277 -23.89 16.43 3.02
C LYS A 277 -24.20 17.80 3.70
N ALA A 278 -23.34 18.82 3.46
CA ALA A 278 -23.45 20.18 3.99
C ALA A 278 -22.97 21.21 2.95
N TYR B 8 16.57 24.72 -6.59
CA TYR B 8 17.47 24.29 -5.53
C TYR B 8 18.94 24.78 -5.62
N GLU B 9 19.30 25.59 -6.61
CA GLU B 9 20.68 26.08 -6.68
C GLU B 9 20.94 27.13 -5.61
N ILE B 10 21.97 26.91 -4.81
CA ILE B 10 22.36 27.81 -3.72
C ILE B 10 23.72 28.42 -4.07
N GLN B 11 23.92 29.70 -3.71
CA GLN B 11 25.18 30.41 -3.90
C GLN B 11 26.11 29.93 -2.79
N ARG B 12 27.34 29.54 -3.13
CA ARG B 12 28.31 28.99 -2.18
C ARG B 12 28.63 29.91 -0.99
N GLU B 13 28.61 31.24 -1.21
CA GLU B 13 28.91 32.25 -0.18
C GLU B 13 27.85 32.29 0.94
N ARG B 14 26.66 31.73 0.67
CA ARG B 14 25.59 31.60 1.66
C ARG B 14 25.87 30.40 2.57
N ILE B 15 26.94 29.60 2.27
CA ILE B 15 27.33 28.42 3.03
C ILE B 15 28.67 28.60 3.72
N GLU B 16 28.71 28.30 5.01
CA GLU B 16 29.91 28.36 5.84
C GLU B 16 30.18 26.92 6.29
N LEU B 17 31.20 26.30 5.68
CA LEU B 17 31.58 24.92 5.96
C LEU B 17 32.20 24.82 7.37
N GLY B 18 31.72 23.86 8.16
CA GLY B 18 32.14 23.62 9.54
C GLY B 18 32.82 22.28 9.67
N ARG B 19 32.76 21.70 10.88
CA ARG B 19 33.43 20.44 11.17
C ARG B 19 32.89 19.24 10.39
N CYS B 20 33.77 18.26 10.14
CA CYS B 20 33.44 17.01 9.50
C CYS B 20 32.61 16.16 10.48
N ILE B 21 31.49 15.59 10.00
CA ILE B 21 30.57 14.80 10.83
C ILE B 21 30.53 13.32 10.41
N GLY B 22 31.38 12.95 9.47
CA GLY B 22 31.45 11.59 8.97
C GLY B 22 31.80 11.52 7.50
N GLU B 23 32.04 10.31 7.02
CA GLU B 23 32.41 10.05 5.65
C GLU B 23 31.24 9.44 4.93
N GLY B 24 30.94 9.99 3.76
CA GLY B 24 29.87 9.48 2.92
C GLY B 24 30.48 8.63 1.82
N GLN B 25 29.64 8.19 0.87
CA GLN B 25 30.06 7.37 -0.26
C GLN B 25 31.00 8.11 -1.22
N PHE B 26 30.67 9.39 -1.56
CA PHE B 26 31.41 10.21 -2.52
C PHE B 26 32.46 11.13 -1.93
N GLY B 27 32.38 11.31 -0.61
CA GLY B 27 33.29 12.19 0.10
C GLY B 27 32.85 12.52 1.49
N ASP B 28 33.57 13.46 2.13
CA ASP B 28 33.28 13.92 3.48
C ASP B 28 31.97 14.66 3.58
N VAL B 29 31.30 14.47 4.71
CA VAL B 29 30.06 15.14 5.06
C VAL B 29 30.39 16.09 6.21
N HIS B 30 30.02 17.36 6.05
CA HIS B 30 30.33 18.37 7.03
C HIS B 30 29.09 18.96 7.58
N GLN B 31 29.19 19.58 8.75
CA GLN B 31 28.09 20.34 9.27
C GLN B 31 28.46 21.77 8.89
N GLY B 32 27.49 22.65 8.82
CA GLY B 32 27.75 24.04 8.46
C GLY B 32 26.55 24.91 8.67
N ILE B 33 26.65 26.15 8.24
CA ILE B 33 25.59 27.14 8.38
C ILE B 33 25.16 27.65 7.01
N TYR B 34 23.86 27.78 6.82
CA TYR B 34 23.24 28.33 5.62
C TYR B 34 22.56 29.64 6.02
N MET B 35 23.06 30.75 5.48
CA MET B 35 22.60 32.12 5.72
C MET B 35 21.71 32.60 4.57
N SER B 36 20.39 32.43 4.73
CA SER B 36 19.35 32.81 3.76
C SER B 36 18.52 33.99 4.31
N PRO B 37 17.74 34.75 3.49
CA PRO B 37 16.93 35.85 4.05
C PRO B 37 15.60 35.40 4.66
N PRO B 40 17.50 33.96 8.40
CA PRO B 40 17.83 32.76 9.18
C PRO B 40 19.21 32.18 8.86
N ALA B 41 20.00 31.88 9.91
CA ALA B 41 21.32 31.26 9.80
C ALA B 41 21.21 29.79 10.29
N LEU B 42 20.57 28.96 9.43
CA LEU B 42 20.21 27.55 9.61
C LEU B 42 21.40 26.59 9.65
N ALA B 43 21.41 25.66 10.61
CA ALA B 43 22.47 24.65 10.70
C ALA B 43 22.15 23.57 9.66
N VAL B 44 23.13 23.21 8.81
CA VAL B 44 22.94 22.29 7.70
C VAL B 44 24.02 21.23 7.68
N ALA B 45 23.80 20.20 6.88
CA ALA B 45 24.79 19.15 6.60
C ALA B 45 25.17 19.33 5.14
N ILE B 46 26.46 19.25 4.87
CA ILE B 46 27.02 19.46 3.53
C ILE B 46 27.72 18.20 3.03
N LYS B 47 27.12 17.55 2.04
CA LYS B 47 27.71 16.38 1.38
C LYS B 47 28.64 16.85 0.28
N THR B 48 29.89 16.40 0.32
CA THR B 48 30.89 16.76 -0.68
C THR B 48 31.18 15.54 -1.57
N CYS B 49 31.86 15.79 -2.69
CA CYS B 49 32.18 14.75 -3.66
C CYS B 49 33.55 15.02 -4.27
N LYS B 50 34.52 14.17 -3.91
CA LYS B 50 35.92 14.31 -4.30
C LYS B 50 36.14 14.24 -5.81
N ASN B 51 35.54 13.21 -6.42
CA ASN B 51 35.68 12.88 -7.85
C ASN B 51 34.63 13.47 -8.78
N CYS B 52 33.87 14.47 -8.31
CA CYS B 52 32.81 15.11 -9.09
C CYS B 52 33.26 16.01 -10.24
N THR B 53 34.57 16.03 -10.51
CA THR B 53 35.16 16.76 -11.65
C THR B 53 34.77 16.03 -12.97
N SER B 54 34.47 14.70 -12.85
CA SER B 54 34.01 13.83 -13.93
C SER B 54 32.47 13.73 -13.87
N ASP B 55 31.80 13.91 -15.04
CA ASP B 55 30.34 13.88 -15.14
C ASP B 55 29.64 12.58 -14.74
N SER B 56 30.32 11.43 -14.91
CA SER B 56 29.74 10.13 -14.51
C SER B 56 29.57 10.02 -13.00
N VAL B 57 30.51 10.58 -12.24
CA VAL B 57 30.46 10.58 -10.78
C VAL B 57 29.39 11.61 -10.34
N ARG B 58 29.47 12.83 -10.91
CA ARG B 58 28.57 13.95 -10.66
C ARG B 58 27.09 13.55 -10.80
N GLU B 59 26.74 12.87 -11.91
CA GLU B 59 25.38 12.40 -12.21
C GLU B 59 24.91 11.43 -11.14
N LYS B 60 25.80 10.50 -10.70
CA LYS B 60 25.47 9.53 -9.65
C LYS B 60 25.24 10.25 -8.30
N PHE B 61 26.16 11.15 -7.92
CA PHE B 61 26.08 11.92 -6.69
C PHE B 61 24.82 12.80 -6.65
N LEU B 62 24.55 13.57 -7.74
CA LEU B 62 23.40 14.46 -7.83
C LEU B 62 22.06 13.77 -7.94
N GLN B 63 22.05 12.46 -8.29
CA GLN B 63 20.83 11.65 -8.40
C GLN B 63 20.14 11.53 -7.05
N GLU B 64 20.92 11.51 -5.98
CA GLU B 64 20.40 11.46 -4.62
C GLU B 64 19.55 12.72 -4.36
N ALA B 65 20.04 13.89 -4.80
CA ALA B 65 19.34 15.18 -4.64
C ALA B 65 18.05 15.19 -5.47
N LEU B 66 18.12 14.71 -6.73
CA LEU B 66 16.99 14.58 -7.66
C LEU B 66 15.89 13.73 -7.02
N THR B 67 16.26 12.55 -6.43
CA THR B 67 15.34 11.64 -5.74
C THR B 67 14.68 12.32 -4.56
N MET B 68 15.47 12.93 -3.68
CA MET B 68 15.01 13.58 -2.46
C MET B 68 14.08 14.78 -2.67
N ARG B 69 14.21 15.47 -3.81
CA ARG B 69 13.44 16.65 -4.18
C ARG B 69 11.93 16.34 -4.16
N GLN B 70 11.55 15.09 -4.47
CA GLN B 70 10.18 14.57 -4.52
C GLN B 70 9.45 14.47 -3.17
N PHE B 71 10.21 14.45 -2.05
CA PHE B 71 9.62 14.21 -0.75
C PHE B 71 9.58 15.35 0.19
N ASP B 72 8.49 15.45 0.93
CA ASP B 72 8.28 16.45 1.98
C ASP B 72 7.59 15.74 3.14
N HIS B 73 8.38 15.30 4.12
CA HIS B 73 7.83 14.60 5.28
C HIS B 73 8.67 14.92 6.54
N PRO B 74 8.05 15.10 7.74
CA PRO B 74 8.84 15.40 8.95
C PRO B 74 9.85 14.32 9.39
N HIS B 75 9.68 13.04 8.95
CA HIS B 75 10.62 11.97 9.30
C HIS B 75 11.49 11.48 8.17
N ILE B 76 11.66 12.34 7.17
CA ILE B 76 12.54 12.13 6.01
C ILE B 76 13.47 13.33 5.97
N VAL B 77 14.77 13.10 5.83
CA VAL B 77 15.77 14.21 5.76
C VAL B 77 15.44 15.13 4.57
N LYS B 78 15.35 16.40 4.81
CA LYS B 78 15.01 17.41 3.80
C LYS B 78 16.21 17.87 2.95
N LEU B 79 16.00 17.99 1.64
CA LEU B 79 16.97 18.54 0.70
C LEU B 79 16.83 20.07 0.79
N ILE B 80 17.90 20.77 1.15
CA ILE B 80 17.86 22.24 1.24
C ILE B 80 18.22 22.79 -0.13
N GLY B 81 19.25 22.22 -0.77
CA GLY B 81 19.67 22.63 -2.10
C GLY B 81 20.94 21.98 -2.57
N VAL B 82 21.45 22.49 -3.69
CA VAL B 82 22.66 21.98 -4.36
C VAL B 82 23.55 23.10 -4.85
N ILE B 83 24.86 22.78 -4.94
CA ILE B 83 25.87 23.64 -5.52
C ILE B 83 26.48 22.77 -6.61
N THR B 84 26.10 23.05 -7.86
CA THR B 84 26.47 22.27 -9.03
C THR B 84 27.82 22.58 -9.63
N GLU B 85 28.40 23.74 -9.31
CA GLU B 85 29.75 24.08 -9.78
C GLU B 85 30.75 23.35 -8.88
N ASN B 86 31.93 23.01 -9.43
CA ASN B 86 33.01 22.33 -8.70
C ASN B 86 33.64 23.21 -7.59
N PRO B 87 33.81 22.71 -6.35
CA PRO B 87 33.42 21.37 -5.82
C PRO B 87 31.92 21.27 -5.54
N VAL B 88 31.31 20.21 -6.07
CA VAL B 88 29.87 19.95 -6.00
C VAL B 88 29.44 19.58 -4.59
N TRP B 89 28.42 20.28 -4.06
CA TRP B 89 27.86 20.03 -2.74
C TRP B 89 26.38 19.76 -2.78
N ILE B 90 25.92 18.90 -1.87
CA ILE B 90 24.50 18.66 -1.61
C ILE B 90 24.24 19.19 -0.17
N ILE B 91 23.30 20.13 -0.04
CA ILE B 91 22.92 20.75 1.23
C ILE B 91 21.67 20.08 1.74
N MET B 92 21.82 19.53 2.91
CA MET B 92 20.73 18.84 3.56
C MET B 92 20.48 19.38 4.93
N GLU B 93 19.28 19.11 5.45
CA GLU B 93 18.90 19.42 6.81
C GLU B 93 19.87 18.65 7.73
N LEU B 94 20.32 19.31 8.78
CA LEU B 94 21.22 18.68 9.75
C LEU B 94 20.45 17.91 10.78
N CYS B 95 20.85 16.66 11.03
CA CYS B 95 20.32 15.87 12.12
C CYS B 95 21.46 15.78 13.11
N THR B 96 21.48 16.75 14.07
CA THR B 96 22.57 17.01 15.03
C THR B 96 23.12 15.84 15.77
N LEU B 97 22.23 14.95 16.25
CA LEU B 97 22.63 13.79 17.04
C LEU B 97 23.25 12.64 16.25
N GLY B 98 23.35 12.80 14.93
CA GLY B 98 23.98 11.85 14.01
C GLY B 98 23.23 10.58 13.71
N GLU B 99 23.98 9.53 13.37
CA GLU B 99 23.48 8.20 13.02
C GLU B 99 22.81 7.47 14.19
N LEU B 100 21.64 6.84 13.94
CA LEU B 100 20.84 6.14 14.94
C LEU B 100 21.60 5.01 15.68
N ARG B 101 22.36 4.16 14.98
CA ARG B 101 23.12 3.04 15.57
C ARG B 101 24.06 3.49 16.66
N SER B 102 24.87 4.50 16.37
CA SER B 102 25.79 5.04 17.37
C SER B 102 25.05 5.65 18.54
N PHE B 103 23.94 6.38 18.26
CA PHE B 103 23.11 7.02 19.27
C PHE B 103 22.51 5.99 20.24
N LEU B 104 22.02 4.86 19.70
CA LEU B 104 21.44 3.78 20.49
C LEU B 104 22.47 3.08 21.37
N GLN B 105 23.69 2.88 20.86
CA GLN B 105 24.79 2.26 21.60
C GLN B 105 25.20 3.13 22.79
N VAL B 106 25.43 4.42 22.52
CA VAL B 106 25.86 5.41 23.53
C VAL B 106 24.79 5.55 24.67
N ARG B 107 23.50 5.49 24.30
CA ARG B 107 22.39 5.65 25.22
C ARG B 107 21.69 4.33 25.59
N LYS B 108 22.40 3.18 25.48
CA LYS B 108 21.87 1.84 25.78
C LYS B 108 21.17 1.77 27.13
N TYR B 109 21.78 2.37 28.13
CA TYR B 109 21.28 2.39 29.51
C TYR B 109 20.53 3.69 29.83
N SER B 110 20.46 4.68 28.90
CA SER B 110 19.72 5.93 29.13
C SER B 110 18.28 5.79 28.61
N LEU B 111 18.12 5.46 27.30
CA LEU B 111 16.85 5.32 26.56
C LEU B 111 15.87 4.25 27.02
N ASP B 112 14.66 4.67 27.38
CA ASP B 112 13.61 3.73 27.79
C ASP B 112 12.91 3.13 26.58
N LEU B 113 12.13 2.08 26.82
CA LEU B 113 11.35 1.34 25.82
C LEU B 113 10.41 2.24 25.01
N ALA B 114 9.68 3.15 25.69
CA ALA B 114 8.77 4.15 25.11
C ALA B 114 9.45 5.00 24.04
N SER B 115 10.72 5.41 24.26
CA SER B 115 11.52 6.18 23.29
C SER B 115 11.87 5.31 22.08
N LEU B 116 12.25 4.03 22.32
CA LEU B 116 12.60 3.07 21.28
C LEU B 116 11.40 2.81 20.39
N ILE B 117 10.20 2.62 20.99
CA ILE B 117 8.95 2.38 20.24
C ILE B 117 8.57 3.64 19.45
N LEU B 118 8.83 4.83 20.04
CA LEU B 118 8.58 6.13 19.39
C LEU B 118 9.36 6.24 18.09
N TYR B 119 10.66 5.85 18.08
CA TYR B 119 11.49 5.87 16.86
C TYR B 119 10.96 4.94 15.77
N ALA B 120 10.52 3.74 16.12
CA ALA B 120 9.94 2.76 15.20
C ALA B 120 8.66 3.33 14.59
N TYR B 121 7.81 3.95 15.42
CA TYR B 121 6.57 4.60 15.02
C TYR B 121 6.88 5.70 14.02
N GLN B 122 7.80 6.60 14.37
CA GLN B 122 8.24 7.70 13.52
C GLN B 122 8.73 7.22 12.18
N LEU B 123 9.54 6.17 12.15
CA LEU B 123 10.00 5.58 10.91
C LEU B 123 8.83 5.00 10.10
N SER B 124 7.85 4.35 10.75
CA SER B 124 6.67 3.80 10.08
C SER B 124 5.84 4.91 9.40
N THR B 125 5.79 6.14 9.98
CA THR B 125 5.09 7.28 9.35
C THR B 125 5.81 7.73 8.08
N ALA B 126 7.15 7.73 8.11
CA ALA B 126 7.98 8.08 6.94
C ALA B 126 7.80 7.03 5.83
N LEU B 127 7.75 5.74 6.23
CA LEU B 127 7.57 4.64 5.29
C LEU B 127 6.18 4.50 4.72
N ALA B 128 5.15 4.86 5.49
CA ALA B 128 3.76 4.92 5.04
C ALA B 128 3.60 6.07 4.03
N TYR B 129 4.33 7.16 4.22
CA TYR B 129 4.33 8.30 3.31
C TYR B 129 4.92 7.88 1.94
N LEU B 130 6.07 7.18 1.96
CA LEU B 130 6.75 6.69 0.76
C LEU B 130 5.89 5.67 0.01
N GLU B 131 5.21 4.78 0.75
CA GLU B 131 4.33 3.76 0.21
C GLU B 131 3.14 4.46 -0.46
N SER B 132 2.64 5.55 0.13
CA SER B 132 1.58 6.38 -0.47
C SER B 132 2.02 7.04 -1.81
N LYS B 133 3.34 7.23 -2.04
CA LYS B 133 3.93 7.80 -3.27
C LYS B 133 4.39 6.68 -4.22
N ARG B 134 4.13 5.41 -3.84
CA ARG B 134 4.55 4.20 -4.57
C ARG B 134 6.08 4.12 -4.76
N PHE B 135 6.81 4.56 -3.74
CA PHE B 135 8.27 4.59 -3.75
C PHE B 135 8.84 3.48 -2.87
N VAL B 136 9.74 2.65 -3.46
CA VAL B 136 10.44 1.56 -2.79
C VAL B 136 11.86 2.06 -2.39
N HIS B 137 12.16 2.05 -1.09
CA HIS B 137 13.43 2.52 -0.55
C HIS B 137 14.61 1.59 -0.85
N ARG B 138 14.43 0.27 -0.65
CA ARG B 138 15.42 -0.80 -0.87
C ARG B 138 16.50 -0.92 0.21
N ASP B 139 16.65 0.05 1.12
CA ASP B 139 17.71 -0.05 2.13
C ASP B 139 17.32 0.53 3.49
N ILE B 140 16.27 -0.03 4.07
CA ILE B 140 15.79 0.36 5.41
C ILE B 140 16.63 -0.43 6.44
N ALA B 141 17.38 0.35 7.21
CA ALA B 141 18.34 -0.15 8.20
C ALA B 141 18.67 0.98 9.14
N ALA B 142 18.93 0.67 10.41
CA ALA B 142 19.25 1.66 11.47
C ALA B 142 20.45 2.55 11.08
N ARG B 143 21.30 2.06 10.17
CA ARG B 143 22.49 2.74 9.62
C ARG B 143 22.09 3.94 8.74
N ASN B 144 20.89 3.91 8.15
CA ASN B 144 20.37 4.92 7.24
C ASN B 144 19.34 5.83 7.91
N VAL B 145 19.32 5.81 9.23
CA VAL B 145 18.43 6.64 10.05
C VAL B 145 19.30 7.62 10.81
N LEU B 146 18.82 8.87 10.85
CA LEU B 146 19.49 9.97 11.54
C LEU B 146 18.66 10.46 12.71
N VAL B 147 19.31 10.98 13.75
CA VAL B 147 18.65 11.48 14.97
C VAL B 147 18.73 12.99 14.98
N SER B 148 17.57 13.65 14.87
CA SER B 148 17.47 15.11 14.85
C SER B 148 17.46 15.67 16.28
N SER B 149 16.78 14.99 17.19
CA SER B 149 16.70 15.29 18.63
C SER B 149 16.37 13.99 19.37
N ASN B 150 16.33 14.03 20.70
CA ASN B 150 16.02 12.89 21.57
C ASN B 150 14.71 12.19 21.26
N ASP B 151 13.75 12.91 20.68
CA ASP B 151 12.44 12.35 20.37
C ASP B 151 12.07 12.59 18.88
N CYS B 152 13.09 12.56 18.00
CA CYS B 152 12.87 12.76 16.58
C CYS B 152 13.94 12.10 15.71
N VAL B 153 13.55 11.11 14.95
CA VAL B 153 14.44 10.40 14.03
C VAL B 153 14.00 10.63 12.60
N LYS B 154 14.95 10.56 11.67
CA LYS B 154 14.67 10.80 10.24
C LYS B 154 15.34 9.77 9.36
N LEU B 155 14.63 9.37 8.32
CA LEU B 155 15.12 8.43 7.33
C LEU B 155 16.01 9.21 6.30
N GLY B 156 17.20 8.69 6.00
CA GLY B 156 18.13 9.27 5.02
C GLY B 156 18.55 8.26 3.96
N ASP B 157 19.70 8.53 3.31
CA ASP B 157 20.30 7.63 2.30
C ASP B 157 19.35 7.10 1.20
N PHE B 158 18.90 8.00 0.33
CA PHE B 158 18.07 7.65 -0.81
C PHE B 158 18.98 7.45 -2.06
N GLY B 159 20.30 7.41 -1.81
CA GLY B 159 21.35 7.24 -2.82
C GLY B 159 21.78 5.80 -3.01
N LEU B 160 21.38 4.93 -2.05
CA LEU B 160 21.68 3.48 -1.98
C LEU B 160 23.16 3.12 -1.96
N SER B 161 23.88 3.69 -0.98
CA SER B 161 25.32 3.51 -0.76
C SER B 161 25.77 2.04 -0.64
N ARG B 162 24.90 1.17 -0.09
CA ARG B 162 25.18 -0.27 0.12
C ARG B 162 24.96 -1.18 -1.11
N TYR B 163 24.39 -0.65 -2.22
CA TYR B 163 24.16 -1.40 -3.47
C TYR B 163 25.12 -0.92 -4.59
N MET B 164 26.29 -0.40 -4.17
CA MET B 164 27.30 0.15 -5.07
C MET B 164 28.48 -0.78 -5.32
N LEU B 177 26.73 -5.17 -0.10
CA LEU B 177 25.36 -5.67 -0.23
C LEU B 177 24.76 -6.09 1.14
N PRO B 178 23.64 -5.45 1.58
CA PRO B 178 23.11 -5.73 2.94
C PRO B 178 22.23 -6.98 3.06
N ILE B 179 22.85 -8.15 2.81
CA ILE B 179 22.20 -9.47 2.85
C ILE B 179 21.37 -9.72 4.13
N LYS B 180 21.92 -9.33 5.29
CA LYS B 180 21.32 -9.53 6.61
C LYS B 180 20.06 -8.72 6.91
N TRP B 181 19.73 -7.72 6.07
CA TRP B 181 18.54 -6.86 6.14
C TRP B 181 17.50 -7.19 5.06
N MET B 182 17.94 -7.87 3.99
CA MET B 182 17.15 -8.17 2.80
C MET B 182 16.12 -9.29 2.92
N ALA B 183 14.94 -9.06 2.31
CA ALA B 183 13.86 -10.04 2.17
C ALA B 183 14.39 -11.22 1.33
N PRO B 184 13.99 -12.47 1.58
CA PRO B 184 14.51 -13.60 0.76
C PRO B 184 14.40 -13.42 -0.75
N GLU B 185 13.31 -12.79 -1.26
CA GLU B 185 13.12 -12.57 -2.69
C GLU B 185 14.12 -11.55 -3.22
N SER B 186 14.59 -10.64 -2.36
CA SER B 186 15.62 -9.66 -2.75
C SER B 186 16.95 -10.37 -2.88
N ILE B 187 17.25 -11.31 -1.97
CA ILE B 187 18.51 -12.06 -1.96
C ILE B 187 18.56 -13.01 -3.16
N ASN B 188 17.51 -13.84 -3.32
CA ASN B 188 17.38 -14.83 -4.38
C ASN B 188 17.20 -14.28 -5.77
N PHE B 189 16.39 -13.24 -5.93
CA PHE B 189 16.01 -12.77 -7.25
C PHE B 189 16.22 -11.30 -7.54
N ARG B 190 16.73 -10.52 -6.58
CA ARG B 190 16.91 -9.07 -6.71
C ARG B 190 15.54 -8.37 -6.93
N ARG B 191 14.52 -8.88 -6.26
CA ARG B 191 13.19 -8.30 -6.33
C ARG B 191 13.03 -7.34 -5.16
N PHE B 192 12.70 -6.10 -5.44
CA PHE B 192 12.49 -5.08 -4.42
C PHE B 192 11.14 -4.48 -4.67
N THR B 193 10.29 -4.55 -3.65
CA THR B 193 8.91 -4.10 -3.68
C THR B 193 8.58 -3.42 -2.36
N SER B 194 7.34 -2.97 -2.19
CA SER B 194 6.90 -2.40 -0.94
C SER B 194 6.93 -3.49 0.17
N ALA B 195 6.66 -4.78 -0.18
CA ALA B 195 6.69 -5.90 0.78
C ALA B 195 8.12 -6.20 1.27
N SER B 196 9.14 -6.01 0.41
CA SER B 196 10.55 -6.23 0.79
C SER B 196 11.02 -5.14 1.73
N ASP B 197 10.47 -3.94 1.54
CA ASP B 197 10.70 -2.78 2.39
C ASP B 197 10.14 -3.04 3.79
N VAL B 198 9.01 -3.75 3.91
CA VAL B 198 8.39 -4.13 5.19
C VAL B 198 9.29 -5.13 5.91
N TRP B 199 9.87 -6.09 5.17
CA TRP B 199 10.81 -7.02 5.77
C TRP B 199 11.95 -6.23 6.47
N MET B 200 12.60 -5.33 5.75
CA MET B 200 13.72 -4.51 6.23
C MET B 200 13.33 -3.66 7.40
N PHE B 201 12.10 -3.11 7.39
CA PHE B 201 11.64 -2.32 8.53
C PHE B 201 11.58 -3.21 9.79
N GLY B 202 11.18 -4.45 9.62
CA GLY B 202 11.14 -5.44 10.70
C GLY B 202 12.53 -5.59 11.30
N VAL B 203 13.56 -5.74 10.44
CA VAL B 203 14.98 -5.82 10.84
C VAL B 203 15.43 -4.51 11.52
N CYS B 204 15.03 -3.36 10.96
CA CYS B 204 15.34 -2.07 11.54
C CYS B 204 14.77 -1.93 12.96
N MET B 205 13.53 -2.37 13.19
CA MET B 205 12.87 -2.37 14.51
C MET B 205 13.64 -3.26 15.46
N TRP B 206 14.11 -4.42 14.98
CA TRP B 206 14.89 -5.36 15.78
C TRP B 206 16.20 -4.68 16.22
N GLU B 207 16.93 -4.02 15.28
CA GLU B 207 18.16 -3.25 15.54
C GLU B 207 17.90 -2.17 16.61
N ILE B 208 16.75 -1.47 16.55
CA ILE B 208 16.36 -0.42 17.51
C ILE B 208 16.21 -1.01 18.92
N LEU B 209 15.49 -2.12 19.01
CA LEU B 209 15.28 -2.80 20.30
C LEU B 209 16.53 -3.47 20.87
N MET B 210 17.48 -3.82 19.98
CA MET B 210 18.75 -4.44 20.33
C MET B 210 19.84 -3.40 20.60
N HIS B 211 19.46 -2.09 20.62
CA HIS B 211 20.32 -0.93 20.89
C HIS B 211 21.45 -0.77 19.87
N GLY B 212 21.11 -0.88 18.59
CA GLY B 212 22.09 -0.72 17.52
C GLY B 212 23.06 -1.87 17.30
N VAL B 213 22.69 -3.11 17.68
CA VAL B 213 23.49 -4.29 17.43
C VAL B 213 23.09 -4.76 16.02
N LYS B 214 24.07 -5.14 15.18
CA LYS B 214 23.81 -5.58 13.82
C LYS B 214 23.13 -6.95 13.79
N PRO B 215 22.16 -7.18 12.86
CA PRO B 215 21.51 -8.51 12.78
C PRO B 215 22.49 -9.58 12.31
N PHE B 216 22.27 -10.83 12.75
CA PHE B 216 23.02 -12.02 12.38
C PHE B 216 24.53 -11.87 12.55
N GLN B 217 24.98 -11.35 13.70
CA GLN B 217 26.42 -11.18 13.97
C GLN B 217 27.12 -12.54 14.03
N GLY B 218 28.29 -12.61 13.40
CA GLY B 218 29.09 -13.84 13.35
C GLY B 218 28.56 -14.91 12.40
N VAL B 219 27.65 -14.50 11.49
CA VAL B 219 27.06 -15.36 10.46
C VAL B 219 27.56 -14.83 9.11
N LYS B 220 27.99 -15.74 8.24
CA LYS B 220 28.48 -15.40 6.92
C LYS B 220 27.28 -15.04 6.05
N ASN B 221 27.45 -14.05 5.15
CA ASN B 221 26.39 -13.61 4.24
C ASN B 221 25.71 -14.76 3.48
N ASN B 222 26.48 -15.74 2.99
CA ASN B 222 25.98 -16.89 2.23
C ASN B 222 25.11 -17.87 3.04
N ASP B 223 25.24 -17.87 4.38
CA ASP B 223 24.48 -18.75 5.28
C ASP B 223 23.11 -18.20 5.68
N VAL B 224 22.90 -16.88 5.50
CA VAL B 224 21.68 -16.14 5.85
C VAL B 224 20.45 -16.66 5.08
N ILE B 225 20.55 -16.81 3.74
CA ILE B 225 19.42 -17.31 2.93
C ILE B 225 18.95 -18.68 3.36
N GLY B 226 19.90 -19.59 3.61
CA GLY B 226 19.64 -20.95 4.07
C GLY B 226 18.90 -20.97 5.38
N ARG B 227 19.30 -20.09 6.30
CA ARG B 227 18.62 -19.98 7.59
C ARG B 227 17.20 -19.41 7.44
N ILE B 228 17.04 -18.38 6.59
CA ILE B 228 15.71 -17.78 6.34
C ILE B 228 14.78 -18.84 5.76
N GLU B 229 15.29 -19.60 4.76
CA GLU B 229 14.59 -20.68 4.07
C GLU B 229 14.12 -21.76 5.02
N ASN B 230 14.88 -22.02 6.13
CA ASN B 230 14.49 -23.02 7.15
C ASN B 230 13.50 -22.47 8.17
N GLY B 231 13.04 -21.23 7.99
CA GLY B 231 12.09 -20.60 8.90
C GLY B 231 12.73 -19.96 10.10
N GLU B 232 14.06 -19.81 10.07
CA GLU B 232 14.82 -19.17 11.13
C GLU B 232 14.71 -17.66 10.99
N ARG B 233 14.52 -17.01 12.15
CA ARG B 233 14.36 -15.57 12.29
C ARG B 233 15.21 -15.03 13.41
N LEU B 234 15.39 -13.70 13.41
CA LEU B 234 16.12 -12.99 14.46
C LEU B 234 15.35 -13.21 15.79
N PRO B 235 16.06 -13.52 16.89
CA PRO B 235 15.35 -13.81 18.15
C PRO B 235 14.67 -12.59 18.77
N MET B 236 13.76 -12.83 19.74
CA MET B 236 13.08 -11.77 20.48
C MET B 236 14.14 -11.01 21.26
N PRO B 237 14.29 -9.70 21.06
CA PRO B 237 15.30 -8.97 21.83
C PRO B 237 14.96 -8.95 23.34
N PRO B 238 15.98 -8.93 24.24
CA PRO B 238 15.66 -8.81 25.68
C PRO B 238 14.86 -7.51 25.92
N ASN B 239 13.81 -7.58 26.76
CA ASN B 239 12.95 -6.43 27.08
C ASN B 239 11.99 -5.93 26.00
N CYS B 240 11.93 -6.65 24.87
CA CYS B 240 10.99 -6.34 23.80
C CYS B 240 9.63 -6.88 24.19
N PRO B 241 8.55 -6.05 24.16
CA PRO B 241 7.21 -6.59 24.45
C PRO B 241 6.86 -7.69 23.44
N PRO B 242 6.27 -8.81 23.88
CA PRO B 242 5.91 -9.88 22.93
C PRO B 242 4.96 -9.46 21.80
N THR B 243 4.12 -8.42 22.02
CA THR B 243 3.21 -7.88 20.98
C THR B 243 4.01 -7.19 19.86
N LEU B 244 5.11 -6.51 20.24
CA LEU B 244 5.98 -5.85 19.28
C LEU B 244 6.76 -6.90 18.49
N TYR B 245 7.22 -7.96 19.16
CA TYR B 245 7.95 -9.03 18.48
C TYR B 245 7.05 -9.81 17.50
N SER B 246 5.74 -9.98 17.83
CA SER B 246 4.80 -10.67 16.92
C SER B 246 4.54 -9.81 15.67
N LEU B 247 4.61 -8.47 15.82
CA LEU B 247 4.50 -7.53 14.73
C LEU B 247 5.75 -7.68 13.79
N MET B 248 6.96 -7.80 14.37
CA MET B 248 8.21 -8.00 13.62
C MET B 248 8.11 -9.32 12.82
N THR B 249 7.65 -10.40 13.49
CA THR B 249 7.40 -11.75 12.93
C THR B 249 6.45 -11.66 11.70
N LYS B 250 5.41 -10.80 11.76
CA LYS B 250 4.49 -10.55 10.63
C LYS B 250 5.25 -9.89 9.45
N CYS B 251 6.25 -9.03 9.73
CA CYS B 251 7.10 -8.39 8.71
C CYS B 251 8.00 -9.44 8.01
N TRP B 252 8.30 -10.54 8.73
CA TRP B 252 9.18 -11.59 8.26
C TRP B 252 8.50 -12.83 7.70
N ALA B 253 7.24 -12.70 7.21
CA ALA B 253 6.52 -13.79 6.52
C ALA B 253 7.33 -14.06 5.23
N TYR B 254 7.63 -15.34 4.97
CA TYR B 254 8.42 -15.69 3.79
C TYR B 254 7.71 -15.22 2.49
N ASP B 255 6.40 -15.49 2.40
CA ASP B 255 5.56 -15.09 1.28
C ASP B 255 5.34 -13.57 1.39
N PRO B 256 5.81 -12.76 0.41
CA PRO B 256 5.63 -11.29 0.50
C PRO B 256 4.19 -10.80 0.61
N SER B 257 3.23 -11.51 0.01
CA SER B 257 1.81 -11.16 0.03
C SER B 257 1.16 -11.29 1.41
N ARG B 258 1.81 -12.00 2.34
CA ARG B 258 1.34 -12.19 3.72
C ARG B 258 1.84 -11.08 4.67
N ARG B 259 2.84 -10.29 4.23
CA ARG B 259 3.36 -9.21 5.06
C ARG B 259 2.39 -8.02 5.16
N PRO B 260 2.31 -7.33 6.32
CA PRO B 260 1.43 -6.16 6.39
C PRO B 260 1.95 -4.99 5.54
N ARG B 261 1.14 -3.95 5.41
CA ARG B 261 1.53 -2.72 4.74
C ARG B 261 1.82 -1.72 5.85
N PHE B 262 2.54 -0.63 5.53
CA PHE B 262 2.95 0.38 6.51
C PHE B 262 1.82 1.08 7.21
N THR B 263 0.66 1.17 6.57
CA THR B 263 -0.49 1.81 7.22
C THR B 263 -1.00 1.02 8.43
N GLU B 264 -0.97 -0.32 8.43
CA GLU B 264 -1.36 -1.10 9.62
C GLU B 264 -0.21 -1.18 10.64
N LEU B 265 1.05 -1.20 10.18
CA LEU B 265 2.22 -1.17 11.07
C LEU B 265 2.22 0.10 11.91
N LYS B 266 2.01 1.26 11.27
CA LYS B 266 1.88 2.60 11.86
C LYS B 266 0.80 2.58 12.95
N ALA B 267 -0.40 2.05 12.63
CA ALA B 267 -1.51 1.98 13.58
C ALA B 267 -1.19 1.04 14.74
N GLN B 268 -0.60 -0.13 14.46
CA GLN B 268 -0.23 -1.08 15.51
C GLN B 268 0.87 -0.52 16.41
N LEU B 269 1.88 0.20 15.83
CA LEU B 269 2.93 0.84 16.63
C LEU B 269 2.35 1.93 17.54
N SER B 270 1.27 2.63 17.11
CA SER B 270 0.57 3.67 17.89
C SER B 270 -0.01 3.07 19.14
N THR B 271 -0.68 1.89 19.02
CA THR B 271 -1.32 1.23 20.16
C THR B 271 -0.27 0.68 21.13
N ILE B 272 0.80 0.04 20.59
CA ILE B 272 1.93 -0.53 21.37
C ILE B 272 2.58 0.60 22.17
N LEU B 273 2.77 1.79 21.55
CA LEU B 273 3.34 2.99 22.15
C LEU B 273 2.46 3.48 23.32
N GLU B 274 1.13 3.37 23.18
CA GLU B 274 0.15 3.70 24.22
C GLU B 274 0.01 2.51 25.20
N GLU B 275 1.06 1.67 25.36
CA GLU B 275 1.01 0.50 26.27
C GLU B 275 2.31 0.18 27.06
N GLU B 276 3.45 0.83 26.73
CA GLU B 276 4.71 0.59 27.44
C GLU B 276 5.26 1.89 28.05
C1 4GU C . -26.15 -12.00 -5.40
C2 4GU C . -25.20 -12.41 -4.45
C3 4GU C . -25.44 -12.09 -3.09
N4 4GU C . -25.95 -12.30 -6.75
N5 4GU C . -23.51 -13.19 -3.30
N6 4GU C . -27.23 -11.36 -4.94
N7 4GU C . -26.54 -11.43 -2.75
N8 4GU C . -24.40 -12.59 -2.38
C9 4GU C . -26.58 -11.70 -7.85
C10 4GU C . -27.41 -11.07 -3.65
C11 4GU C . -23.98 -13.10 -4.52
C12 4GU C . -26.39 -12.27 -9.12
F13 4GU C . -25.66 -13.39 -9.24
C14 4GU C . -27.34 -10.51 -7.75
C15 4GU C . -26.95 -11.69 -10.25
C16 4GU C . -27.90 -9.94 -8.89
C17 4GU C . -27.71 -10.52 -10.15
C1 4GU D . 24.34 13.37 8.22
C2 4GU D . 23.41 13.90 7.29
C3 4GU D . 22.51 14.90 7.76
N4 4GU D . 25.23 12.38 7.81
N5 4GU D . 22.13 14.45 5.61
N6 4GU D . 24.29 13.86 9.48
N7 4GU D . 22.54 15.29 9.02
N8 4GU D . 21.73 15.25 6.71
C9 4GU D . 26.05 11.68 8.72
C10 4GU D . 23.42 14.78 9.86
C11 4GU D . 23.14 13.67 5.93
C12 4GU D . 27.20 11.04 8.24
F13 4GU D . 27.50 11.10 6.93
C14 4GU D . 25.76 11.58 10.10
C15 4GU D . 28.01 10.30 9.10
C16 4GU D . 26.58 10.86 10.97
C17 4GU D . 27.69 10.20 10.45
#